data_6B0S
#
_entry.id   6B0S
#
_cell.length_a   70.487
_cell.length_b   70.683
_cell.length_c   96.283
_cell.angle_alpha   90.00
_cell.angle_beta   90.00
_cell.angle_gamma   90.00
#
_symmetry.space_group_name_H-M   'P 21 21 21'
#
loop_
_entity.id
_entity.type
_entity.pdbx_description
1 polymer '1710 antibody, heavy chain'
2 polymer '1710 antibody, light chain'
3 polymer 'Circumsporozoite protein'
4 non-polymer GLYCEROL
5 non-polymer 'ISOPROPYL ALCOHOL'
6 water water
#
loop_
_entity_poly.entity_id
_entity_poly.type
_entity_poly.pdbx_seq_one_letter_code
_entity_poly.pdbx_strand_id
1 'polypeptide(L)'
;EVQLQESGGGLVKPGGSLRLSCAASGFTFSSYSMNWVRQAPGKGLEWVSSITSSSSYIYYADSVKGRFTISRDNAKNSLY
LQMNSLRAEDTAVYYCARDPGIAAADNHWFDPWGQGTLVTVSSASTKGPSVFPLAPSSSSKSGGTAALGCLVKDYFPEPV
TVSWNSGALTSGVHTFPAVLQSSGLYSLSSVVTVPSSSLGTQTYICNVNHKPSNTKVDKRVEPKSC
;
H
2 'polypeptide(L)'
;SAYELTQPPSVSVSPGQTASITCSGDKLGDKYACWYQQKPGQSPVVVIYQDTKRPSGIPERFSGSNSGNTATLTISGTQA
MDEADYYCQAWDSSTVVFGGGTKLTVLGQPKAAPSVTLFPPSSEELQANKATLVCLISDFYPGAVTVAWKADSSPVKAGV
ETTTPSKQSNNKYAASSYLSLTPEQWKSHRSYSCQVTHEGSTVEKTVAPTECS
;
L
3 'polypeptide(L)'
;ETGYVEFEPSDKHIKEYLNKIQNSLSTEWSPCSVTCGNGIQVRIKPGSANKPKDELDYANDIEKKICKMEKCPHHHHHHA
LE
;
C
#
loop_
_chem_comp.id
_chem_comp.type
_chem_comp.name
_chem_comp.formula
GOL non-polymer GLYCEROL 'C3 H8 O3'
IPA non-polymer 'ISOPROPYL ALCOHOL' 'C3 H8 O'
#
# COMPACT_ATOMS: atom_id res chain seq x y z
N GLU A 1 -17.11 -12.62 0.11
CA GLU A 1 -15.91 -11.81 0.19
C GLU A 1 -15.70 -11.00 -1.09
N VAL A 2 -15.77 -9.68 -0.97
CA VAL A 2 -15.53 -8.79 -2.11
C VAL A 2 -14.02 -8.71 -2.35
N GLN A 3 -13.61 -8.99 -3.58
CA GLN A 3 -12.19 -9.12 -3.86
C GLN A 3 -11.85 -8.59 -5.25
N LEU A 4 -10.70 -7.94 -5.37
CA LEU A 4 -10.15 -7.47 -6.64
C LEU A 4 -8.70 -7.90 -6.72
N GLN A 5 -8.31 -8.50 -7.84
CA GLN A 5 -6.96 -9.03 -8.03
C GLN A 5 -6.42 -8.51 -9.36
N GLU A 6 -5.37 -7.69 -9.29
CA GLU A 6 -4.73 -7.15 -10.48
C GLU A 6 -3.67 -8.11 -11.01
N SER A 7 -3.45 -8.05 -12.32
CA SER A 7 -2.34 -8.77 -12.93
C SER A 7 -1.86 -7.96 -14.13
N GLY A 8 -0.68 -8.32 -14.62
CA GLY A 8 -0.15 -7.73 -15.83
C GLY A 8 1.02 -6.80 -15.64
N GLY A 9 1.34 -6.43 -14.40
CA GLY A 9 2.48 -5.56 -14.16
C GLY A 9 3.80 -6.26 -14.47
N GLY A 10 4.87 -5.48 -14.38
CA GLY A 10 6.20 -5.95 -14.70
C GLY A 10 7.00 -4.85 -15.37
N LEU A 11 8.06 -5.26 -16.05
CA LEU A 11 8.98 -4.34 -16.69
C LEU A 11 8.53 -4.05 -18.11
N VAL A 12 8.61 -2.77 -18.50
CA VAL A 12 8.21 -2.36 -19.84
C VAL A 12 9.13 -1.25 -20.30
N LYS A 13 9.56 -1.32 -21.57
CA LYS A 13 10.48 -0.34 -22.12
C LYS A 13 9.79 1.01 -22.29
N PRO A 14 10.54 2.12 -22.18
CA PRO A 14 9.95 3.44 -22.46
C PRO A 14 9.36 3.46 -23.86
N GLY A 15 8.17 4.05 -23.96
CA GLY A 15 7.41 4.03 -25.18
C GLY A 15 6.61 2.77 -25.43
N GLY A 16 6.81 1.74 -24.61
CA GLY A 16 6.11 0.49 -24.79
C GLY A 16 4.67 0.54 -24.35
N SER A 17 3.99 -0.58 -24.54
CA SER A 17 2.59 -0.74 -24.18
C SER A 17 2.44 -1.91 -23.21
N LEU A 18 1.46 -1.79 -22.31
CA LEU A 18 1.17 -2.83 -21.34
C LEU A 18 -0.33 -2.80 -21.01
N ARG A 19 -0.92 -3.98 -20.86
CA ARG A 19 -2.33 -4.10 -20.51
C ARG A 19 -2.46 -4.71 -19.13
N LEU A 20 -3.10 -3.97 -18.22
CA LEU A 20 -3.40 -4.48 -16.89
C LEU A 20 -4.82 -5.04 -16.87
N SER A 21 -5.00 -6.09 -16.09
CA SER A 21 -6.33 -6.63 -15.87
C SER A 21 -6.61 -6.68 -14.37
N CYS A 22 -7.89 -6.70 -14.05
CA CYS A 22 -8.37 -6.73 -12.66
C CYS A 22 -9.59 -7.63 -12.61
N ALA A 23 -9.47 -8.76 -11.93
CA ALA A 23 -10.54 -9.74 -11.83
C ALA A 23 -11.33 -9.50 -10.55
N ALA A 24 -12.65 -9.37 -10.68
CA ALA A 24 -13.52 -9.05 -9.57
C ALA A 24 -14.33 -10.27 -9.13
N SER A 25 -14.66 -10.33 -7.85
CA SER A 25 -15.51 -11.38 -7.31
C SER A 25 -16.18 -10.88 -6.04
N GLY A 26 -17.29 -11.53 -5.68
CA GLY A 26 -17.97 -11.27 -4.43
C GLY A 26 -19.00 -10.15 -4.46
N PHE A 27 -19.21 -9.51 -5.60
CA PHE A 27 -20.20 -8.46 -5.74
C PHE A 27 -20.67 -8.44 -7.19
N THR A 28 -21.78 -7.76 -7.44
CA THR A 28 -22.33 -7.69 -8.80
C THR A 28 -21.51 -6.68 -9.59
N PHE A 29 -20.40 -7.17 -10.17
CA PHE A 29 -19.47 -6.31 -10.88
C PHE A 29 -20.15 -5.45 -11.93
N SER A 30 -21.14 -6.00 -12.64
CA SER A 30 -21.74 -5.29 -13.76
C SER A 30 -22.51 -4.04 -13.36
N SER A 31 -22.73 -3.77 -12.06
CA SER A 31 -23.49 -2.59 -11.67
C SER A 31 -22.66 -1.50 -11.02
N TYR A 32 -21.34 -1.68 -10.89
CA TYR A 32 -20.49 -0.75 -10.16
C TYR A 32 -19.57 0.03 -11.08
N SER A 33 -19.37 1.30 -10.77
CA SER A 33 -18.28 2.06 -11.38
C SER A 33 -16.94 1.54 -10.84
N MET A 34 -15.96 1.41 -11.73
CA MET A 34 -14.65 0.88 -11.40
C MET A 34 -13.58 1.91 -11.75
N ASN A 35 -12.49 1.89 -10.99
CA ASN A 35 -11.46 2.92 -11.09
C ASN A 35 -10.06 2.29 -11.09
N TRP A 36 -9.13 2.98 -11.75
CA TRP A 36 -7.70 2.72 -11.59
C TRP A 36 -7.06 3.88 -10.85
N VAL A 37 -6.18 3.54 -9.91
CA VAL A 37 -5.40 4.48 -9.11
C VAL A 37 -3.95 4.00 -9.11
N ARG A 38 -3.00 4.93 -9.12
CA ARG A 38 -1.60 4.54 -9.10
C ARG A 38 -0.84 5.28 -8.02
N GLN A 39 0.32 4.73 -7.66
CA GLN A 39 1.13 5.29 -6.59
C GLN A 39 2.59 5.03 -6.92
N ALA A 40 3.33 6.08 -7.27
CA ALA A 40 4.75 5.94 -7.50
C ALA A 40 5.46 5.57 -6.18
N PRO A 41 6.54 4.80 -6.26
CA PRO A 41 7.22 4.36 -5.03
C PRO A 41 7.63 5.55 -4.16
N GLY A 42 7.19 5.52 -2.91
CA GLY A 42 7.48 6.59 -1.97
C GLY A 42 6.65 7.84 -2.15
N LYS A 43 5.69 7.84 -3.07
CA LYS A 43 4.89 9.01 -3.37
C LYS A 43 3.43 8.74 -2.98
N GLY A 44 2.54 9.63 -3.40
CA GLY A 44 1.15 9.58 -3.00
C GLY A 44 0.26 8.84 -3.99
N LEU A 45 -1.02 8.79 -3.66
CA LEU A 45 -2.01 8.18 -4.52
C LEU A 45 -2.45 9.16 -5.60
N GLU A 46 -2.64 8.66 -6.81
CA GLU A 46 -3.06 9.50 -7.93
C GLU A 46 -4.11 8.76 -8.73
N TRP A 47 -5.30 9.33 -8.82
CA TRP A 47 -6.36 8.73 -9.61
C TRP A 47 -5.98 8.71 -11.09
N VAL A 48 -6.37 7.65 -11.79
CA VAL A 48 -5.99 7.44 -13.19
C VAL A 48 -7.19 7.49 -14.12
N SER A 49 -8.21 6.68 -13.85
CA SER A 49 -9.32 6.57 -14.78
C SER A 49 -10.52 5.92 -14.11
N SER A 50 -11.70 6.18 -14.67
CA SER A 50 -12.94 5.60 -14.15
C SER A 50 -13.82 5.16 -15.32
N ILE A 51 -14.67 4.18 -15.06
CA ILE A 51 -15.61 3.70 -16.07
C ILE A 51 -16.88 3.25 -15.34
N THR A 52 -18.03 3.69 -15.83
CA THR A 52 -19.26 3.30 -15.16
C THR A 52 -19.66 1.89 -15.53
N SER A 53 -20.70 1.39 -14.85
CA SER A 53 -21.17 0.03 -15.01
C SER A 53 -21.32 -0.38 -16.48
N SER A 54 -22.02 0.43 -17.26
CA SER A 54 -22.31 0.10 -18.65
C SER A 54 -21.23 0.56 -19.62
N SER A 55 -20.13 1.11 -19.13
CA SER A 55 -19.05 1.72 -19.91
C SER A 55 -19.50 2.98 -20.63
N SER A 56 -20.68 3.50 -20.29
CA SER A 56 -21.21 4.66 -21.02
C SER A 56 -20.51 5.96 -20.66
N TYR A 57 -19.83 6.02 -19.51
CA TYR A 57 -19.18 7.25 -19.07
C TYR A 57 -17.79 6.92 -18.56
N ILE A 58 -16.79 7.53 -19.19
CA ILE A 58 -15.38 7.22 -18.96
C ILE A 58 -14.64 8.54 -18.73
N TYR A 59 -13.72 8.54 -17.77
CA TYR A 59 -12.94 9.73 -17.46
C TYR A 59 -11.49 9.34 -17.17
N TYR A 60 -10.58 10.28 -17.46
CA TYR A 60 -9.15 10.07 -17.30
C TYR A 60 -8.52 11.24 -16.57
N ALA A 61 -7.49 10.95 -15.78
CA ALA A 61 -6.63 12.00 -15.28
C ALA A 61 -5.89 12.65 -16.44
N ASP A 62 -5.67 13.97 -16.34
CA ASP A 62 -4.97 14.69 -17.41
C ASP A 62 -3.61 14.07 -17.72
N SER A 63 -2.94 13.51 -16.72
CA SER A 63 -1.60 12.98 -16.94
C SER A 63 -1.56 11.72 -17.81
N VAL A 64 -2.70 11.07 -18.04
CA VAL A 64 -2.74 9.86 -18.86
C VAL A 64 -3.63 10.01 -20.08
N LYS A 65 -4.33 11.13 -20.23
CA LYS A 65 -5.23 11.33 -21.35
C LYS A 65 -4.50 11.13 -22.68
N GLY A 66 -5.14 10.44 -23.60
CA GLY A 66 -4.58 10.19 -24.91
C GLY A 66 -3.57 9.07 -24.97
N ARG A 67 -3.21 8.47 -23.83
CA ARG A 67 -2.26 7.36 -23.79
C ARG A 67 -2.83 6.10 -23.17
N PHE A 68 -3.76 6.21 -22.23
CA PHE A 68 -4.34 5.06 -21.56
C PHE A 68 -5.78 4.89 -22.01
N THR A 69 -6.25 3.64 -22.00
CA THR A 69 -7.64 3.33 -22.32
C THR A 69 -8.19 2.35 -21.29
N ILE A 70 -9.20 2.78 -20.56
CA ILE A 70 -9.89 1.92 -19.60
C ILE A 70 -11.02 1.20 -20.31
N SER A 71 -11.25 -0.06 -19.94
CA SER A 71 -12.37 -0.82 -20.47
C SER A 71 -12.74 -1.91 -19.47
N ARG A 72 -13.82 -2.62 -19.77
CA ARG A 72 -14.30 -3.66 -18.88
C ARG A 72 -15.05 -4.70 -19.70
N ASP A 73 -15.10 -5.91 -19.16
CA ASP A 73 -15.91 -7.01 -19.71
C ASP A 73 -16.74 -7.54 -18.56
N ASN A 74 -18.02 -7.14 -18.49
CA ASN A 74 -18.86 -7.53 -17.38
C ASN A 74 -19.10 -9.03 -17.36
N ALA A 75 -19.25 -9.64 -18.53
CA ALA A 75 -19.44 -11.09 -18.60
C ALA A 75 -18.24 -11.84 -18.01
N LYS A 76 -17.06 -11.22 -18.02
CA LYS A 76 -15.86 -11.82 -17.44
C LYS A 76 -15.51 -11.23 -16.08
N ASN A 77 -16.35 -10.34 -15.54
CA ASN A 77 -16.10 -9.69 -14.26
C ASN A 77 -14.69 -9.10 -14.20
N SER A 78 -14.30 -8.45 -15.29
CA SER A 78 -12.92 -7.99 -15.45
C SER A 78 -12.89 -6.52 -15.84
N LEU A 79 -11.91 -5.82 -15.26
CA LEU A 79 -11.60 -4.44 -15.60
C LEU A 79 -10.22 -4.41 -16.23
N TYR A 80 -10.02 -3.54 -17.20
CA TYR A 80 -8.77 -3.47 -17.94
C TYR A 80 -8.25 -2.05 -18.00
N LEU A 81 -6.93 -1.93 -18.11
CA LEU A 81 -6.27 -0.66 -18.39
C LEU A 81 -5.20 -0.90 -19.45
N GLN A 82 -5.44 -0.40 -20.65
CA GLN A 82 -4.44 -0.43 -21.72
C GLN A 82 -3.57 0.81 -21.60
N MET A 83 -2.27 0.60 -21.41
CA MET A 83 -1.32 1.69 -21.22
C MET A 83 -0.40 1.77 -22.43
N ASN A 84 -0.45 2.89 -23.15
CA ASN A 84 0.41 3.09 -24.30
C ASN A 84 1.37 4.24 -24.05
N SER A 85 2.43 4.29 -24.87
CA SER A 85 3.43 5.36 -24.85
C SER A 85 3.92 5.63 -23.42
N LEU A 86 4.36 4.57 -22.77
CA LEU A 86 4.73 4.67 -21.36
C LEU A 86 6.03 5.44 -21.20
N ARG A 87 6.11 6.19 -20.09
CA ARG A 87 7.28 6.96 -19.74
C ARG A 87 7.76 6.54 -18.37
N ALA A 88 9.01 6.90 -18.07
CA ALA A 88 9.61 6.54 -16.78
C ALA A 88 8.72 6.97 -15.62
N GLU A 89 8.04 8.10 -15.74
CA GLU A 89 7.23 8.63 -14.67
C GLU A 89 5.88 7.92 -14.51
N ASP A 90 5.56 6.95 -15.37
CA ASP A 90 4.41 6.10 -15.15
C ASP A 90 4.73 4.90 -14.25
N THR A 91 5.99 4.73 -13.86
CA THR A 91 6.36 3.68 -12.92
C THR A 91 5.58 3.87 -11.62
N ALA A 92 4.80 2.86 -11.24
CA ALA A 92 3.96 2.95 -10.06
C ALA A 92 3.31 1.59 -9.82
N VAL A 93 2.87 1.39 -8.58
CA VAL A 93 1.89 0.35 -8.28
C VAL A 93 0.53 0.83 -8.78
N TYR A 94 -0.13 0.01 -9.59
CA TYR A 94 -1.43 0.35 -10.14
C TYR A 94 -2.50 -0.45 -9.40
N TYR A 95 -3.48 0.27 -8.85
CA TYR A 95 -4.53 -0.30 -8.01
C TYR A 95 -5.85 -0.32 -8.77
N CYS A 96 -6.51 -1.47 -8.72
CA CYS A 96 -7.92 -1.59 -9.04
C CYS A 96 -8.75 -1.16 -7.83
N ALA A 97 -9.87 -0.45 -8.07
CA ALA A 97 -10.71 -0.01 -6.96
C ALA A 97 -12.17 0.09 -7.35
N ARG A 98 -13.04 -0.46 -6.50
CA ARG A 98 -14.49 -0.36 -6.68
C ARG A 98 -15.03 0.90 -6.02
N ASP A 99 -16.01 1.52 -6.68
CA ASP A 99 -16.71 2.69 -6.15
C ASP A 99 -18.10 2.25 -5.71
N PRO A 100 -18.35 2.05 -4.42
CA PRO A 100 -19.68 1.62 -3.99
C PRO A 100 -20.51 2.78 -3.48
N GLY A 101 -20.19 4.00 -3.91
CA GLY A 101 -20.81 5.19 -3.40
C GLY A 101 -22.22 5.43 -3.94
N ILE A 102 -22.70 6.65 -3.72
CA ILE A 102 -24.03 7.09 -4.16
C ILE A 102 -23.81 8.21 -5.17
N ALA A 103 -23.84 7.87 -6.46
CA ALA A 103 -23.53 8.85 -7.49
C ALA A 103 -24.58 9.96 -7.56
N ALA A 104 -25.83 9.65 -7.21
CA ALA A 104 -26.87 10.67 -7.25
C ALA A 104 -26.58 11.81 -6.28
N ALA A 105 -25.84 11.53 -5.21
CA ALA A 105 -25.46 12.54 -4.22
C ALA A 105 -24.03 13.03 -4.40
N ASP A 106 -23.40 12.72 -5.54
CA ASP A 106 -22.00 13.06 -5.81
C ASP A 106 -21.10 12.52 -4.70
N ASN A 107 -21.40 11.31 -4.23
CA ASN A 107 -20.76 10.73 -3.05
C ASN A 107 -19.96 9.52 -3.49
N HIS A 108 -18.64 9.68 -3.62
CA HIS A 108 -17.78 8.66 -4.21
C HIS A 108 -16.61 8.35 -3.29
N TRP A 109 -16.39 7.06 -3.03
CA TRP A 109 -15.20 6.59 -2.34
C TRP A 109 -14.87 5.21 -2.89
N PHE A 110 -13.67 4.71 -2.56
CA PHE A 110 -13.15 3.46 -3.11
C PHE A 110 -13.11 2.41 -2.01
N ASP A 111 -13.76 1.27 -2.26
CA ASP A 111 -13.73 0.13 -1.34
C ASP A 111 -14.33 -1.09 -2.02
N PRO A 112 -13.59 -2.20 -2.12
CA PRO A 112 -12.20 -2.31 -1.68
C PRO A 112 -11.21 -1.93 -2.77
N TRP A 113 -9.92 -2.03 -2.44
CA TRP A 113 -8.81 -1.87 -3.37
C TRP A 113 -8.19 -3.24 -3.62
N GLY A 114 -7.64 -3.43 -4.82
CA GLY A 114 -6.84 -4.61 -5.09
C GLY A 114 -5.50 -4.53 -4.38
N GLN A 115 -4.74 -5.62 -4.52
CA GLN A 115 -3.40 -5.66 -3.92
C GLN A 115 -2.39 -4.80 -4.67
N GLY A 116 -2.73 -4.35 -5.89
CA GLY A 116 -1.83 -3.57 -6.69
C GLY A 116 -0.88 -4.41 -7.53
N THR A 117 -0.44 -3.88 -8.66
CA THR A 117 0.57 -4.54 -9.48
C THR A 117 1.57 -3.49 -9.93
N LEU A 118 2.86 -3.80 -9.78
CA LEU A 118 3.92 -2.82 -10.00
C LEU A 118 4.33 -2.81 -11.47
N VAL A 119 4.27 -1.61 -12.06
CA VAL A 119 4.71 -1.39 -13.43
C VAL A 119 5.99 -0.57 -13.36
N THR A 120 7.06 -1.11 -13.91
CA THR A 120 8.36 -0.44 -13.95
C THR A 120 8.69 -0.12 -15.40
N VAL A 121 8.77 1.17 -15.71
CA VAL A 121 9.13 1.63 -17.05
C VAL A 121 10.62 1.94 -17.03
N SER A 122 11.41 1.10 -17.68
CA SER A 122 12.86 1.24 -17.63
C SER A 122 13.47 0.61 -18.88
N SER A 123 14.61 1.15 -19.30
CA SER A 123 15.36 0.59 -20.41
C SER A 123 16.20 -0.63 -20.02
N ALA A 124 16.41 -0.85 -18.73
CA ALA A 124 17.22 -1.97 -18.29
C ALA A 124 16.50 -3.29 -18.58
N SER A 125 17.26 -4.38 -18.52
CA SER A 125 16.72 -5.72 -18.73
C SER A 125 16.40 -6.39 -17.41
N THR A 126 15.46 -7.33 -17.44
CA THR A 126 15.15 -8.09 -16.25
C THR A 126 16.32 -9.00 -15.87
N LYS A 127 16.40 -9.33 -14.59
CA LYS A 127 17.35 -10.31 -14.11
C LYS A 127 16.70 -11.06 -12.96
N GLY A 128 16.60 -12.38 -13.07
CA GLY A 128 16.09 -13.20 -12.01
C GLY A 128 17.10 -13.34 -10.89
N PRO A 129 16.62 -13.67 -9.69
CA PRO A 129 17.52 -13.69 -8.53
C PRO A 129 18.35 -14.96 -8.43
N SER A 130 19.50 -14.83 -7.77
CA SER A 130 20.26 -15.94 -7.26
C SER A 130 19.89 -16.11 -5.80
N VAL A 131 19.41 -17.30 -5.42
CA VAL A 131 18.90 -17.55 -4.09
C VAL A 131 19.83 -18.50 -3.37
N PHE A 132 20.25 -18.13 -2.16
CA PHE A 132 21.14 -18.93 -1.34
C PHE A 132 20.52 -19.18 0.02
N PRO A 133 20.80 -20.32 0.63
CA PRO A 133 20.24 -20.60 1.96
C PRO A 133 21.05 -19.91 3.04
N LEU A 134 20.34 -19.45 4.06
CA LEU A 134 20.97 -18.92 5.26
C LEU A 134 20.70 -19.97 6.35
N ALA A 135 21.63 -20.91 6.48
CA ALA A 135 21.41 -22.04 7.38
C ALA A 135 21.37 -21.57 8.84
N PRO A 136 20.60 -22.25 9.67
CA PRO A 136 20.54 -21.88 11.09
C PRO A 136 21.85 -22.21 11.80
N SER A 137 22.00 -21.66 13.00
CA SER A 137 23.18 -21.87 13.85
C SER A 137 23.55 -23.34 13.98
N THR A 145 14.93 -21.43 20.14
CA THR A 145 14.56 -21.14 18.76
C THR A 145 15.76 -20.75 17.91
N ALA A 146 15.69 -21.03 16.62
CA ALA A 146 16.77 -20.71 15.70
C ALA A 146 16.26 -19.83 14.58
N ALA A 147 17.18 -19.11 13.95
CA ALA A 147 16.87 -18.28 12.80
C ALA A 147 17.50 -18.89 11.55
N LEU A 148 16.69 -19.06 10.51
CA LEU A 148 17.17 -19.49 9.20
C LEU A 148 16.46 -18.68 8.15
N GLY A 149 17.02 -18.66 6.95
CA GLY A 149 16.42 -17.84 5.93
C GLY A 149 16.95 -18.09 4.54
N CYS A 150 16.68 -17.13 3.67
CA CYS A 150 17.09 -17.17 2.28
C CYS A 150 17.60 -15.81 1.88
N LEU A 151 18.75 -15.79 1.21
CA LEU A 151 19.29 -14.58 0.60
C LEU A 151 18.86 -14.54 -0.86
N VAL A 152 18.21 -13.45 -1.27
CA VAL A 152 17.66 -13.30 -2.61
C VAL A 152 18.48 -12.21 -3.28
N LYS A 153 19.40 -12.61 -4.17
CA LYS A 153 20.50 -11.75 -4.59
C LYS A 153 20.34 -11.33 -6.06
N ASP A 154 20.49 -10.02 -6.30
CA ASP A 154 20.79 -9.45 -7.61
C ASP A 154 19.68 -9.72 -8.64
N TYR A 155 18.51 -9.13 -8.37
CA TYR A 155 17.39 -9.22 -9.30
C TYR A 155 16.93 -7.82 -9.73
N PHE A 156 16.17 -7.78 -10.83
CA PHE A 156 15.60 -6.54 -11.32
C PHE A 156 14.49 -6.86 -12.30
N PRO A 157 13.36 -6.14 -12.26
CA PRO A 157 13.10 -5.10 -11.27
C PRO A 157 12.43 -5.67 -10.03
N GLU A 158 12.02 -4.80 -9.12
CA GLU A 158 11.06 -5.19 -8.11
C GLU A 158 9.77 -5.62 -8.80
N PRO A 159 8.93 -6.44 -8.13
CA PRO A 159 9.10 -6.96 -6.78
C PRO A 159 9.40 -8.45 -6.73
N VAL A 160 9.86 -8.89 -5.55
CA VAL A 160 10.01 -10.29 -5.24
C VAL A 160 9.12 -10.59 -4.03
N THR A 161 8.42 -11.71 -4.08
CA THR A 161 7.68 -12.21 -2.94
C THR A 161 8.34 -13.48 -2.42
N VAL A 162 8.27 -13.69 -1.11
CA VAL A 162 8.84 -14.87 -0.48
C VAL A 162 7.78 -15.46 0.43
N SER A 163 7.47 -16.75 0.23
CA SER A 163 6.70 -17.52 1.18
C SER A 163 7.57 -18.65 1.72
N TRP A 164 7.07 -19.31 2.76
CA TRP A 164 7.80 -20.40 3.37
C TRP A 164 6.91 -21.64 3.39
N ASN A 165 7.44 -22.74 2.87
CA ASN A 165 6.70 -24.00 2.78
C ASN A 165 5.37 -23.81 2.06
N SER A 166 5.42 -23.06 0.95
CA SER A 166 4.25 -22.80 0.11
C SER A 166 3.10 -22.17 0.91
N GLY A 167 3.45 -21.25 1.82
CA GLY A 167 2.47 -20.56 2.61
C GLY A 167 2.04 -21.27 3.88
N ALA A 168 2.50 -22.51 4.09
CA ALA A 168 2.13 -23.23 5.29
C ALA A 168 2.81 -22.67 6.53
N LEU A 169 3.90 -21.93 6.36
CA LEU A 169 4.65 -21.36 7.47
C LEU A 169 4.54 -19.84 7.39
N THR A 170 3.83 -19.25 8.35
CA THR A 170 3.66 -17.80 8.41
C THR A 170 4.16 -17.18 9.71
N SER A 171 4.08 -17.90 10.82
CA SER A 171 4.51 -17.34 12.09
C SER A 171 6.03 -17.29 12.18
N GLY A 172 6.55 -16.17 12.68
CA GLY A 172 7.98 -15.97 12.80
C GLY A 172 8.66 -15.59 11.51
N VAL A 173 7.92 -15.34 10.44
CA VAL A 173 8.49 -14.97 9.15
C VAL A 173 8.71 -13.47 9.11
N HIS A 174 9.91 -13.05 8.75
CA HIS A 174 10.24 -11.63 8.55
C HIS A 174 11.00 -11.50 7.25
N THR A 175 10.34 -10.97 6.22
CA THR A 175 10.97 -10.69 4.94
C THR A 175 11.36 -9.22 4.90
N PHE A 176 12.66 -8.96 4.74
CA PHE A 176 13.18 -7.61 4.86
C PHE A 176 13.03 -6.86 3.55
N PRO A 177 12.75 -5.55 3.59
CA PRO A 177 12.69 -4.76 2.36
C PRO A 177 14.01 -4.83 1.61
N ALA A 178 13.92 -4.85 0.29
CA ALA A 178 15.11 -5.05 -0.54
C ALA A 178 16.02 -3.82 -0.48
N VAL A 179 17.30 -4.06 -0.67
CA VAL A 179 18.29 -2.99 -0.81
C VAL A 179 18.54 -2.76 -2.29
N LEU A 180 18.52 -1.50 -2.71
CA LEU A 180 18.97 -1.14 -4.04
C LEU A 180 20.48 -1.03 -4.01
N GLN A 181 21.15 -1.66 -4.97
CA GLN A 181 22.59 -1.77 -4.98
C GLN A 181 23.20 -0.85 -6.04
N SER A 182 24.51 -0.65 -5.95
CA SER A 182 25.19 0.22 -6.89
C SER A 182 25.08 -0.29 -8.32
N SER A 183 24.96 -1.60 -8.49
CA SER A 183 24.76 -2.17 -9.82
C SER A 183 23.40 -1.85 -10.41
N GLY A 184 22.48 -1.28 -9.63
CA GLY A 184 21.11 -1.14 -10.07
C GLY A 184 20.25 -2.36 -9.83
N LEU A 185 20.82 -3.44 -9.32
CA LEU A 185 20.09 -4.65 -8.97
C LEU A 185 19.68 -4.60 -7.50
N TYR A 186 18.66 -5.39 -7.17
CA TYR A 186 18.14 -5.46 -5.82
C TYR A 186 18.55 -6.77 -5.17
N SER A 187 18.59 -6.77 -3.84
CA SER A 187 18.76 -7.97 -3.04
C SER A 187 17.91 -7.82 -1.79
N LEU A 188 17.36 -8.95 -1.31
CA LEU A 188 16.60 -8.95 -0.07
C LEU A 188 16.89 -10.24 0.69
N SER A 189 16.40 -10.29 1.93
CA SER A 189 16.50 -11.47 2.76
C SER A 189 15.17 -11.73 3.44
N SER A 190 14.88 -13.01 3.66
CA SER A 190 13.72 -13.43 4.43
C SER A 190 14.19 -14.42 5.47
N VAL A 191 13.81 -14.21 6.72
CA VAL A 191 14.18 -15.12 7.80
C VAL A 191 12.94 -15.57 8.53
N VAL A 192 13.03 -16.76 9.12
CA VAL A 192 11.97 -17.30 9.95
C VAL A 192 12.60 -17.83 11.21
N THR A 193 11.98 -17.52 12.35
CA THR A 193 12.40 -18.05 13.63
C THR A 193 11.57 -19.30 13.92
N VAL A 194 12.24 -20.43 14.15
CA VAL A 194 11.57 -21.71 14.33
C VAL A 194 12.12 -22.37 15.58
N PRO A 195 11.37 -23.30 16.17
CA PRO A 195 11.90 -24.06 17.31
C PRO A 195 13.15 -24.83 16.90
N SER A 196 14.19 -24.74 17.72
CA SER A 196 15.45 -25.41 17.41
C SER A 196 15.27 -26.91 17.29
N SER A 197 14.26 -27.48 17.96
CA SER A 197 14.06 -28.92 17.92
C SER A 197 13.59 -29.39 16.55
N SER A 198 12.95 -28.52 15.77
CA SER A 198 12.44 -28.90 14.46
C SER A 198 13.53 -28.92 13.39
N LEU A 199 14.74 -28.46 13.70
CA LEU A 199 15.77 -28.29 12.68
C LEU A 199 16.16 -29.59 12.00
N GLY A 200 15.89 -30.74 12.62
CA GLY A 200 16.17 -32.00 11.96
C GLY A 200 14.95 -32.63 11.33
N THR A 201 13.78 -32.38 11.92
CA THR A 201 12.54 -33.03 11.50
C THR A 201 11.83 -32.24 10.40
N GLN A 202 11.59 -30.95 10.62
CA GLN A 202 10.77 -30.16 9.71
C GLN A 202 11.58 -29.68 8.51
N THR A 203 11.01 -29.85 7.32
CA THR A 203 11.61 -29.30 6.10
C THR A 203 11.25 -27.83 5.97
N TYR A 204 12.25 -26.99 5.75
CA TYR A 204 12.04 -25.56 5.54
C TYR A 204 12.48 -25.20 4.12
N ILE A 205 11.56 -24.63 3.35
CA ILE A 205 11.79 -24.23 1.97
C ILE A 205 11.23 -22.83 1.78
N CYS A 206 12.06 -21.92 1.28
CA CYS A 206 11.59 -20.59 0.92
C CYS A 206 11.21 -20.58 -0.56
N ASN A 207 10.02 -20.05 -0.86
CA ASN A 207 9.52 -19.97 -2.23
C ASN A 207 9.67 -18.53 -2.67
N VAL A 208 10.65 -18.28 -3.53
CA VAL A 208 11.00 -16.95 -3.98
C VAL A 208 10.40 -16.76 -5.37
N ASN A 209 9.44 -15.83 -5.49
CA ASN A 209 8.80 -15.56 -6.77
C ASN A 209 9.24 -14.19 -7.27
N HIS A 210 9.77 -14.15 -8.49
CA HIS A 210 10.13 -12.92 -9.19
C HIS A 210 9.36 -12.93 -10.51
N LYS A 211 8.09 -12.53 -10.45
CA LYS A 211 7.26 -12.53 -11.64
C LYS A 211 7.82 -11.71 -12.81
N PRO A 212 8.47 -10.56 -12.61
CA PRO A 212 8.98 -9.81 -13.77
C PRO A 212 9.93 -10.58 -14.66
N SER A 213 10.63 -11.60 -14.14
CA SER A 213 11.50 -12.44 -14.96
C SER A 213 10.94 -13.85 -15.14
N ASN A 214 9.70 -14.10 -14.68
CA ASN A 214 9.08 -15.41 -14.77
C ASN A 214 9.95 -16.48 -14.09
N THR A 215 10.52 -16.12 -12.95
CA THR A 215 11.42 -16.99 -12.21
C THR A 215 10.86 -17.26 -10.82
N LYS A 216 10.71 -18.54 -10.49
CA LYS A 216 10.44 -18.98 -9.13
C LYS A 216 11.58 -19.89 -8.67
N VAL A 217 12.04 -19.70 -7.44
CA VAL A 217 13.06 -20.58 -6.85
C VAL A 217 12.54 -21.09 -5.51
N ASP A 218 12.58 -22.40 -5.32
CA ASP A 218 12.23 -23.05 -4.07
C ASP A 218 13.53 -23.60 -3.46
N LYS A 219 14.06 -22.89 -2.47
CA LYS A 219 15.35 -23.21 -1.89
C LYS A 219 15.16 -23.93 -0.56
N ARG A 220 15.65 -25.16 -0.48
CA ARG A 220 15.66 -25.88 0.78
C ARG A 220 16.76 -25.33 1.68
N VAL A 221 16.44 -25.13 2.95
CA VAL A 221 17.39 -24.59 3.91
C VAL A 221 17.60 -25.65 4.98
N GLU A 222 18.77 -26.29 4.96
CA GLU A 222 19.10 -27.36 5.88
C GLU A 222 20.19 -26.93 6.85
N PRO A 223 20.34 -27.62 7.99
CA PRO A 223 21.41 -27.28 8.93
C PRO A 223 22.82 -27.35 8.36
N LYS A 224 23.80 -26.97 9.18
CA LYS A 224 25.19 -26.81 8.78
C LYS A 224 25.32 -25.74 7.70
N TYR B 3 -9.06 20.97 -9.49
CA TYR B 3 -9.33 21.06 -8.06
C TYR B 3 -8.20 20.41 -7.27
N GLU B 4 -7.76 21.03 -6.19
CA GLU B 4 -6.63 20.52 -5.42
C GLU B 4 -6.97 20.43 -3.94
N LEU B 5 -6.54 19.33 -3.33
CA LEU B 5 -6.68 19.09 -1.91
C LEU B 5 -5.30 19.13 -1.26
N THR B 6 -5.21 19.78 -0.11
CA THR B 6 -3.94 19.99 0.57
C THR B 6 -4.01 19.44 1.98
N GLN B 7 -3.02 18.65 2.37
CA GLN B 7 -2.86 18.11 3.71
C GLN B 7 -1.49 18.46 4.27
N PRO B 8 -1.38 18.60 5.59
CA PRO B 8 -0.05 18.70 6.20
C PRO B 8 0.73 17.43 5.94
N PRO B 9 2.04 17.54 5.69
CA PRO B 9 2.81 16.32 5.41
C PRO B 9 2.97 15.42 6.62
N SER B 10 2.91 15.97 7.83
CA SER B 10 3.25 15.21 9.03
C SER B 10 2.42 15.71 10.20
N VAL B 11 1.84 14.76 10.95
CA VAL B 11 1.20 15.03 12.23
C VAL B 11 1.78 14.04 13.24
N SER B 12 2.14 14.55 14.43
CA SER B 12 2.66 13.71 15.50
C SER B 12 1.74 13.79 16.71
N VAL B 13 1.75 12.72 17.51
CA VAL B 13 0.84 12.60 18.65
C VAL B 13 1.46 11.65 19.65
N SER B 14 1.23 11.91 20.93
CA SER B 14 1.61 11.00 22.00
C SER B 14 0.56 9.87 22.11
N PRO B 15 0.96 8.69 22.58
CA PRO B 15 -0.01 7.60 22.72
C PRO B 15 -1.14 7.99 23.65
N GLY B 16 -2.37 7.67 23.23
CA GLY B 16 -3.55 8.03 23.99
C GLY B 16 -4.05 9.44 23.79
N GLN B 17 -3.33 10.27 23.04
CA GLN B 17 -3.76 11.62 22.74
C GLN B 17 -4.51 11.66 21.42
N THR B 18 -5.01 12.84 21.06
CA THR B 18 -5.82 13.02 19.86
C THR B 18 -4.97 13.55 18.72
N ALA B 19 -5.06 12.90 17.56
CA ALA B 19 -4.42 13.38 16.35
C ALA B 19 -5.46 14.06 15.47
N SER B 20 -5.12 15.24 14.96
CA SER B 20 -6.01 16.03 14.11
C SER B 20 -5.36 16.21 12.76
N ILE B 21 -5.91 15.57 11.73
CA ILE B 21 -5.36 15.60 10.38
C ILE B 21 -6.34 16.34 9.48
N THR B 22 -5.88 17.45 8.90
CA THR B 22 -6.76 18.26 8.08
C THR B 22 -6.55 18.00 6.59
N CYS B 23 -7.56 18.38 5.83
CA CYS B 23 -7.59 18.28 4.38
C CYS B 23 -8.33 19.52 3.90
N SER B 24 -7.71 20.30 3.02
CA SER B 24 -8.22 21.63 2.71
C SER B 24 -8.42 21.83 1.22
N GLY B 25 -9.46 22.57 0.87
CA GLY B 25 -9.74 22.89 -0.52
C GLY B 25 -10.88 23.88 -0.61
N ASP B 26 -10.94 24.55 -1.76
CA ASP B 26 -11.93 25.59 -1.98
C ASP B 26 -13.35 25.03 -1.86
N LYS B 27 -14.10 25.55 -0.88
CA LYS B 27 -15.46 25.09 -0.60
C LYS B 27 -15.52 23.57 -0.47
N LEU B 28 -14.52 22.99 0.21
CA LEU B 28 -14.52 21.55 0.42
C LEU B 28 -15.78 21.09 1.13
N GLY B 29 -16.31 21.91 2.04
CA GLY B 29 -17.49 21.53 2.79
C GLY B 29 -18.71 21.23 1.94
N ASP B 30 -18.77 21.77 0.72
CA ASP B 30 -19.86 21.47 -0.18
C ASP B 30 -19.69 20.13 -0.88
N LYS B 31 -18.55 19.47 -0.72
CA LYS B 31 -18.28 18.16 -1.29
C LYS B 31 -18.31 17.11 -0.20
N TYR B 32 -18.28 15.84 -0.63
CA TYR B 32 -18.11 14.71 0.27
C TYR B 32 -16.64 14.31 0.29
N ALA B 33 -16.10 14.13 1.49
CA ALA B 33 -14.72 13.75 1.69
C ALA B 33 -14.64 12.35 2.28
N CYS B 34 -13.59 11.64 1.93
CA CYS B 34 -13.33 10.35 2.56
C CYS B 34 -11.84 10.24 2.85
N TRP B 35 -11.50 9.28 3.72
CA TRP B 35 -10.15 9.14 4.25
C TRP B 35 -9.70 7.70 4.12
N TYR B 36 -8.50 7.50 3.59
CA TYR B 36 -7.89 6.18 3.48
C TYR B 36 -6.67 6.09 4.39
N GLN B 37 -6.49 4.92 5.00
CA GLN B 37 -5.31 4.61 5.78
C GLN B 37 -4.44 3.66 4.94
N GLN B 38 -3.14 3.95 4.88
CA GLN B 38 -2.21 3.07 4.19
C GLN B 38 -1.01 2.80 5.08
N LYS B 39 -0.82 1.55 5.45
CA LYS B 39 0.36 1.14 6.18
C LYS B 39 1.43 0.65 5.21
N PRO B 40 2.69 0.63 5.63
CA PRO B 40 3.77 0.29 4.69
C PRO B 40 3.54 -1.05 4.01
N GLY B 41 3.71 -1.06 2.69
CA GLY B 41 3.59 -2.29 1.92
C GLY B 41 2.18 -2.84 1.79
N GLN B 42 1.16 -2.05 2.07
CA GLN B 42 -0.21 -2.53 2.00
C GLN B 42 -1.04 -1.57 1.15
N SER B 43 -2.20 -2.08 0.72
CA SER B 43 -3.16 -1.29 -0.03
C SER B 43 -3.91 -0.32 0.88
N PRO B 44 -4.39 0.80 0.34
CA PRO B 44 -5.17 1.73 1.17
C PRO B 44 -6.44 1.09 1.69
N VAL B 45 -6.91 1.58 2.83
CA VAL B 45 -8.15 1.11 3.45
C VAL B 45 -8.95 2.33 3.87
N VAL B 46 -10.21 2.41 3.45
CA VAL B 46 -11.04 3.54 3.84
C VAL B 46 -11.34 3.45 5.33
N VAL B 47 -11.16 4.56 6.04
CA VAL B 47 -11.51 4.62 7.45
C VAL B 47 -12.63 5.60 7.74
N ILE B 48 -12.86 6.60 6.88
CA ILE B 48 -14.01 7.49 6.96
C ILE B 48 -14.45 7.78 5.54
N TYR B 49 -15.77 7.79 5.33
CA TYR B 49 -16.34 8.16 4.04
C TYR B 49 -17.58 8.99 4.27
N GLN B 50 -18.03 9.68 3.21
CA GLN B 50 -19.21 10.53 3.28
C GLN B 50 -19.09 11.52 4.45
N ASP B 51 -17.91 12.15 4.54
CA ASP B 51 -17.55 13.12 5.58
C ASP B 51 -17.36 12.48 6.95
N THR B 52 -18.36 11.73 7.42
CA THR B 52 -18.44 11.34 8.82
C THR B 52 -18.66 9.86 9.06
N LYS B 53 -18.83 9.04 8.03
CA LYS B 53 -19.26 7.66 8.23
C LYS B 53 -18.06 6.73 8.39
N ARG B 54 -18.17 5.81 9.34
CA ARG B 54 -17.08 4.90 9.66
C ARG B 54 -17.47 3.49 9.23
N PRO B 55 -16.69 2.84 8.36
CA PRO B 55 -17.02 1.47 7.98
C PRO B 55 -16.96 0.54 9.19
N SER B 56 -17.78 -0.50 9.17
CA SER B 56 -17.67 -1.55 10.16
C SER B 56 -16.27 -2.17 10.10
N GLY B 57 -15.72 -2.49 11.26
CA GLY B 57 -14.38 -2.99 11.37
C GLY B 57 -13.33 -1.94 11.64
N ILE B 58 -13.62 -0.67 11.39
CA ILE B 58 -12.70 0.42 11.65
C ILE B 58 -12.85 0.84 13.11
N PRO B 59 -11.76 0.98 13.86
CA PRO B 59 -11.88 1.28 15.29
C PRO B 59 -12.69 2.54 15.55
N GLU B 60 -13.44 2.53 16.66
CA GLU B 60 -14.36 3.63 16.96
C GLU B 60 -13.64 4.93 17.22
N ARG B 61 -12.32 4.90 17.42
CA ARG B 61 -11.59 6.12 17.71
C ARG B 61 -11.34 6.98 16.48
N PHE B 62 -11.67 6.49 15.28
CA PHE B 62 -11.59 7.31 14.07
C PHE B 62 -12.92 8.04 13.87
N SER B 63 -12.85 9.36 13.72
CA SER B 63 -14.03 10.16 13.40
C SER B 63 -13.64 11.18 12.33
N GLY B 64 -14.66 11.77 11.71
CA GLY B 64 -14.43 12.73 10.65
C GLY B 64 -15.49 13.80 10.61
N SER B 65 -15.12 14.95 10.02
CA SER B 65 -16.03 16.05 9.81
C SER B 65 -15.63 16.77 8.54
N ASN B 66 -16.55 17.56 7.99
CA ASN B 66 -16.24 18.33 6.79
C ASN B 66 -17.19 19.51 6.70
N SER B 67 -16.63 20.71 6.63
CA SER B 67 -17.41 21.93 6.54
C SER B 67 -16.45 23.03 6.09
N GLY B 68 -17.02 24.11 5.55
CA GLY B 68 -16.20 25.24 5.17
C GLY B 68 -15.17 24.88 4.12
N ASN B 69 -13.89 24.98 4.47
CA ASN B 69 -12.82 24.59 3.55
C ASN B 69 -11.91 23.53 4.15
N THR B 70 -12.41 22.74 5.10
CA THR B 70 -11.57 21.78 5.80
C THR B 70 -12.36 20.51 6.11
N ALA B 71 -11.85 19.37 5.65
CA ALA B 71 -12.26 18.07 6.16
C ALA B 71 -11.23 17.62 7.19
N THR B 72 -11.71 17.09 8.32
CA THR B 72 -10.85 16.78 9.46
C THR B 72 -11.03 15.32 9.85
N LEU B 73 -9.93 14.58 9.84
CA LEU B 73 -9.88 13.23 10.38
C LEU B 73 -9.36 13.31 11.82
N THR B 74 -10.13 12.78 12.76
CA THR B 74 -9.78 12.83 14.18
C THR B 74 -9.61 11.41 14.71
N ILE B 75 -8.45 11.13 15.28
CA ILE B 75 -8.16 9.86 15.93
C ILE B 75 -8.01 10.15 17.42
N SER B 76 -8.99 9.72 18.22
CA SER B 76 -8.91 9.87 19.66
C SER B 76 -8.16 8.69 20.27
N GLY B 77 -7.41 8.98 21.33
CA GLY B 77 -6.64 7.95 22.00
C GLY B 77 -5.76 7.16 21.06
N THR B 78 -4.91 7.87 20.33
CA THR B 78 -4.14 7.24 19.26
C THR B 78 -3.24 6.14 19.80
N GLN B 79 -3.26 4.99 19.12
CA GLN B 79 -2.40 3.87 19.46
C GLN B 79 -1.28 3.76 18.44
N ALA B 80 -0.20 3.10 18.84
CA ALA B 80 0.95 2.94 17.95
C ALA B 80 0.53 2.33 16.62
N MET B 81 -0.44 1.41 16.65
CA MET B 81 -0.88 0.72 15.45
C MET B 81 -1.58 1.64 14.45
N ASP B 82 -1.89 2.89 14.83
CA ASP B 82 -2.48 3.85 13.92
C ASP B 82 -1.45 4.61 13.10
N GLU B 83 -0.17 4.36 13.32
CA GLU B 83 0.86 4.98 12.47
C GLU B 83 0.69 4.51 11.05
N ALA B 84 0.63 5.46 10.11
CA ALA B 84 0.35 5.19 8.71
C ALA B 84 0.33 6.52 7.97
N ASP B 85 0.25 6.44 6.65
CA ASP B 85 -0.08 7.61 5.85
C ASP B 85 -1.59 7.66 5.71
N TYR B 86 -2.15 8.87 5.80
CA TYR B 86 -3.57 9.09 5.67
C TYR B 86 -3.83 10.03 4.50
N TYR B 87 -4.70 9.61 3.58
CA TYR B 87 -5.02 10.37 2.38
C TYR B 87 -6.49 10.79 2.41
N CYS B 88 -6.75 12.07 2.14
CA CYS B 88 -8.12 12.45 1.88
C CYS B 88 -8.39 12.42 0.38
N GLN B 89 -9.68 12.37 0.04
CA GLN B 89 -10.09 12.21 -1.34
C GLN B 89 -11.46 12.84 -1.51
N ALA B 90 -11.67 13.51 -2.64
CA ALA B 90 -12.95 14.10 -2.95
C ALA B 90 -13.23 13.89 -4.43
N TRP B 91 -14.22 14.62 -4.93
CA TRP B 91 -14.75 14.42 -6.28
C TRP B 91 -15.07 15.80 -6.84
N ASP B 92 -14.64 16.06 -8.08
CA ASP B 92 -14.92 17.35 -8.71
C ASP B 92 -15.12 17.10 -10.19
N SER B 93 -16.36 17.28 -10.65
CA SER B 93 -16.74 17.16 -12.07
C SER B 93 -16.19 15.88 -12.69
N SER B 94 -16.55 14.75 -12.06
CA SER B 94 -16.21 13.38 -12.46
C SER B 94 -14.72 13.07 -12.31
N THR B 95 -13.92 14.02 -11.85
CA THR B 95 -12.50 13.78 -11.57
C THR B 95 -12.35 13.47 -10.09
N VAL B 96 -11.65 12.38 -9.78
CA VAL B 96 -11.36 12.02 -8.40
C VAL B 96 -10.04 12.66 -8.01
N VAL B 97 -10.02 13.34 -6.86
CA VAL B 97 -8.86 14.09 -6.40
C VAL B 97 -8.43 13.53 -5.04
N PHE B 98 -7.13 13.28 -4.90
CA PHE B 98 -6.54 12.87 -3.63
C PHE B 98 -5.72 14.02 -3.05
N GLY B 99 -5.79 14.18 -1.73
CA GLY B 99 -4.80 14.98 -1.05
C GLY B 99 -3.44 14.30 -1.11
N GLY B 100 -2.41 15.07 -0.76
CA GLY B 100 -1.04 14.57 -0.87
C GLY B 100 -0.61 13.61 0.21
N GLY B 101 -1.42 13.42 1.26
CA GLY B 101 -1.09 12.46 2.28
C GLY B 101 -0.47 13.06 3.51
N THR B 102 -0.82 12.53 4.68
CA THR B 102 -0.25 12.94 5.95
C THR B 102 0.33 11.71 6.64
N LYS B 103 1.61 11.77 6.99
CA LYS B 103 2.26 10.71 7.74
C LYS B 103 2.03 10.94 9.24
N LEU B 104 1.32 10.02 9.88
CA LEU B 104 1.03 10.10 11.31
C LEU B 104 2.12 9.38 12.09
N THR B 105 2.76 10.10 13.01
CA THR B 105 3.79 9.54 13.87
C THR B 105 3.29 9.54 15.31
N VAL B 106 3.41 8.39 15.97
CA VAL B 106 3.09 8.27 17.38
C VAL B 106 4.42 8.34 18.14
N LEU B 107 4.66 9.46 18.79
CA LEU B 107 5.90 9.70 19.52
C LEU B 107 5.89 8.98 20.85
N GLY B 108 7.04 9.02 21.53
CA GLY B 108 7.12 8.55 22.89
C GLY B 108 6.87 7.07 23.08
N GLN B 109 7.06 6.26 22.04
CA GLN B 109 6.95 4.83 22.20
C GLN B 109 8.17 4.30 22.97
N PRO B 110 8.05 3.13 23.59
CA PRO B 110 9.18 2.57 24.34
C PRO B 110 10.41 2.38 23.47
N LYS B 111 11.56 2.81 24.00
CA LYS B 111 12.84 2.55 23.35
C LYS B 111 13.07 1.05 23.27
N ALA B 112 13.81 0.64 22.24
CA ALA B 112 14.15 -0.76 22.05
C ALA B 112 15.47 -0.86 21.30
N ALA B 113 16.42 -1.59 21.88
CA ALA B 113 17.70 -1.80 21.22
C ALA B 113 17.53 -2.82 20.09
N PRO B 114 18.32 -2.69 19.03
CA PRO B 114 18.17 -3.62 17.89
C PRO B 114 18.61 -5.03 18.21
N SER B 115 17.86 -5.99 17.69
CA SER B 115 18.35 -7.37 17.62
C SER B 115 19.10 -7.53 16.31
N VAL B 116 20.28 -8.14 16.38
CA VAL B 116 21.18 -8.23 15.23
C VAL B 116 21.53 -9.69 15.00
N THR B 117 21.26 -10.17 13.78
CA THR B 117 21.65 -11.51 13.36
C THR B 117 22.57 -11.38 12.15
N LEU B 118 23.74 -12.00 12.21
CA LEU B 118 24.73 -11.89 11.15
C LEU B 118 24.95 -13.27 10.55
N PHE B 119 24.71 -13.41 9.24
CA PHE B 119 24.94 -14.69 8.60
C PHE B 119 26.25 -14.68 7.81
N PRO B 120 27.04 -15.75 7.88
CA PRO B 120 28.23 -15.86 7.04
C PRO B 120 27.84 -16.23 5.62
N PRO B 121 28.78 -16.21 4.68
CA PRO B 121 28.47 -16.66 3.33
C PRO B 121 28.09 -18.13 3.34
N SER B 122 27.06 -18.48 2.56
CA SER B 122 26.67 -19.88 2.46
C SER B 122 27.72 -20.67 1.70
N SER B 123 27.75 -21.98 1.96
CA SER B 123 28.63 -22.84 1.19
C SER B 123 28.31 -22.80 -0.29
N GLU B 124 27.02 -22.72 -0.64
CA GLU B 124 26.64 -22.66 -2.05
C GLU B 124 27.20 -21.42 -2.72
N GLU B 125 27.06 -20.25 -2.06
CA GLU B 125 27.57 -19.02 -2.65
C GLU B 125 29.09 -19.04 -2.76
N LEU B 126 29.77 -19.55 -1.73
CA LEU B 126 31.23 -19.64 -1.80
C LEU B 126 31.66 -20.52 -2.96
N GLN B 127 30.99 -21.66 -3.16
CA GLN B 127 31.32 -22.53 -4.28
C GLN B 127 30.95 -21.90 -5.62
N ALA B 128 30.10 -20.89 -5.63
CA ALA B 128 29.86 -20.08 -6.82
C ALA B 128 30.86 -18.95 -6.98
N ASN B 129 31.92 -18.94 -6.15
CA ASN B 129 32.99 -17.95 -6.18
C ASN B 129 32.49 -16.55 -5.80
N LYS B 130 31.49 -16.48 -4.93
CA LYS B 130 30.99 -15.22 -4.38
C LYS B 130 30.87 -15.37 -2.87
N ALA B 131 30.61 -14.25 -2.19
CA ALA B 131 30.43 -14.29 -0.74
C ALA B 131 29.74 -13.01 -0.29
N THR B 132 28.67 -13.17 0.50
CA THR B 132 27.93 -12.05 1.04
C THR B 132 27.69 -12.28 2.53
N LEU B 133 28.09 -11.31 3.36
CA LEU B 133 27.69 -11.28 4.76
C LEU B 133 26.36 -10.54 4.88
N VAL B 134 25.43 -11.11 5.63
CA VAL B 134 24.06 -10.60 5.70
C VAL B 134 23.78 -10.22 7.14
N CYS B 135 23.54 -8.93 7.38
CA CYS B 135 23.29 -8.39 8.71
C CYS B 135 21.85 -7.93 8.78
N LEU B 136 21.03 -8.63 9.54
CA LEU B 136 19.61 -8.33 9.65
C LEU B 136 19.34 -7.69 11.01
N ILE B 137 18.69 -6.52 10.98
CA ILE B 137 18.53 -5.67 12.16
C ILE B 137 17.04 -5.46 12.38
N SER B 138 16.55 -5.72 13.59
CA SER B 138 15.11 -5.68 13.79
C SER B 138 14.75 -5.23 15.20
N ASP B 139 13.48 -4.85 15.34
CA ASP B 139 12.85 -4.59 16.63
C ASP B 139 13.52 -3.46 17.40
N PHE B 140 13.95 -2.42 16.69
CA PHE B 140 14.52 -1.27 17.36
C PHE B 140 13.59 -0.07 17.26
N TYR B 141 13.64 0.78 18.28
CA TYR B 141 12.86 1.99 18.29
C TYR B 141 13.64 3.01 19.11
N PRO B 142 13.78 4.26 18.63
CA PRO B 142 13.21 4.79 17.39
C PRO B 142 13.89 4.25 16.12
N GLY B 143 13.42 4.69 14.96
CA GLY B 143 13.85 4.12 13.70
C GLY B 143 15.01 4.83 13.03
N ALA B 144 16.14 4.91 13.71
CA ALA B 144 17.36 5.49 13.15
C ALA B 144 18.54 4.68 13.65
N VAL B 145 19.32 4.12 12.73
CA VAL B 145 20.53 3.39 13.05
C VAL B 145 21.64 3.81 12.10
N THR B 146 22.86 3.49 12.46
CA THR B 146 24.01 3.60 11.58
C THR B 146 24.77 2.30 11.64
N VAL B 147 25.11 1.73 10.48
CA VAL B 147 25.71 0.41 10.39
C VAL B 147 27.12 0.57 9.86
N ALA B 148 28.08 -0.07 10.54
CA ALA B 148 29.46 -0.09 10.11
C ALA B 148 29.94 -1.53 10.13
N TRP B 149 30.90 -1.83 9.26
CA TRP B 149 31.48 -3.15 9.13
C TRP B 149 32.97 -3.09 9.44
N LYS B 150 33.49 -4.17 10.01
CA LYS B 150 34.91 -4.31 10.27
C LYS B 150 35.42 -5.59 9.63
N ALA B 151 36.60 -5.49 9.01
CA ALA B 151 37.34 -6.66 8.56
C ALA B 151 38.45 -6.88 9.58
N ASP B 152 38.40 -8.01 10.29
CA ASP B 152 39.06 -8.12 11.59
C ASP B 152 38.66 -6.91 12.43
N SER B 153 39.53 -5.90 12.52
CA SER B 153 39.19 -4.68 13.24
C SER B 153 39.40 -3.43 12.38
N SER B 154 39.42 -3.58 11.04
CA SER B 154 39.61 -2.44 10.16
C SER B 154 38.28 -2.01 9.56
N PRO B 155 37.89 -0.75 9.67
CA PRO B 155 36.63 -0.29 9.07
C PRO B 155 36.60 -0.58 7.58
N VAL B 156 35.47 -1.13 7.12
CA VAL B 156 35.28 -1.48 5.73
C VAL B 156 34.70 -0.30 4.99
N LYS B 157 35.31 0.05 3.84
CA LYS B 157 34.92 1.23 3.09
C LYS B 157 34.40 0.90 1.69
N ALA B 158 34.21 -0.38 1.38
CA ALA B 158 33.74 -0.78 0.07
C ALA B 158 32.87 -2.01 0.20
N GLY B 159 31.96 -2.19 -0.75
CA GLY B 159 31.15 -3.39 -0.81
C GLY B 159 29.99 -3.45 0.16
N VAL B 160 29.65 -2.36 0.82
CA VAL B 160 28.59 -2.31 1.83
C VAL B 160 27.35 -1.71 1.20
N GLU B 161 26.20 -2.36 1.41
CA GLU B 161 24.89 -1.85 1.01
C GLU B 161 23.96 -1.96 2.20
N THR B 162 23.27 -0.87 2.53
CA THR B 162 22.46 -0.80 3.73
C THR B 162 21.13 -0.12 3.42
N THR B 163 20.04 -0.73 3.89
CA THR B 163 18.72 -0.15 3.65
C THR B 163 18.43 0.98 4.64
N THR B 164 17.49 1.84 4.25
CA THR B 164 16.84 2.72 5.17
C THR B 164 15.96 1.91 6.11
N PRO B 165 15.83 2.30 7.38
CA PRO B 165 14.92 1.59 8.27
C PRO B 165 13.48 1.70 7.79
N SER B 166 12.73 0.63 8.00
CA SER B 166 11.32 0.54 7.61
C SER B 166 10.51 -0.01 8.78
N LYS B 167 9.25 0.41 8.86
CA LYS B 167 8.43 0.05 10.00
C LYS B 167 7.97 -1.40 9.92
N GLN B 168 8.08 -2.11 11.05
CA GLN B 168 7.57 -3.46 11.19
C GLN B 168 6.10 -3.43 11.63
N SER B 169 5.49 -4.61 11.68
CA SER B 169 4.08 -4.70 12.06
C SER B 169 3.87 -4.31 13.51
N ASN B 170 4.88 -4.49 14.36
CA ASN B 170 4.81 -4.12 15.77
C ASN B 170 5.27 -2.70 16.04
N ASN B 171 5.44 -1.89 14.99
CA ASN B 171 5.80 -0.48 15.03
C ASN B 171 7.23 -0.24 15.50
N LYS B 172 7.99 -1.29 15.78
CA LYS B 172 9.44 -1.15 15.80
C LYS B 172 9.95 -1.15 14.36
N TYR B 173 11.26 -1.02 14.18
CA TYR B 173 11.82 -0.84 12.86
C TYR B 173 12.77 -1.97 12.50
N ALA B 174 12.99 -2.11 11.19
CA ALA B 174 13.87 -3.13 10.64
C ALA B 174 14.83 -2.48 9.65
N ALA B 175 16.00 -3.08 9.51
CA ALA B 175 16.96 -2.66 8.51
C ALA B 175 17.86 -3.85 8.17
N SER B 176 18.55 -3.75 7.05
CA SER B 176 19.47 -4.81 6.64
C SER B 176 20.70 -4.19 6.00
N SER B 177 21.83 -4.89 6.12
CA SER B 177 23.09 -4.44 5.56
C SER B 177 23.83 -5.65 5.01
N TYR B 178 24.44 -5.48 3.84
CA TYR B 178 25.10 -6.56 3.11
C TYR B 178 26.54 -6.15 2.83
N LEU B 179 27.47 -7.07 3.05
CA LEU B 179 28.88 -6.86 2.72
C LEU B 179 29.31 -7.91 1.71
N SER B 180 29.69 -7.44 0.52
CA SER B 180 30.17 -8.32 -0.55
C SER B 180 31.69 -8.44 -0.46
N LEU B 181 32.18 -9.67 -0.52
CA LEU B 181 33.61 -9.93 -0.48
C LEU B 181 33.89 -11.17 -1.32
N THR B 182 35.17 -11.50 -1.46
CA THR B 182 35.56 -12.71 -2.16
C THR B 182 35.64 -13.87 -1.19
N PRO B 183 35.51 -15.10 -1.69
CA PRO B 183 35.79 -16.26 -0.83
C PRO B 183 37.17 -16.21 -0.21
N GLU B 184 38.17 -15.74 -0.97
CA GLU B 184 39.53 -15.70 -0.43
C GLU B 184 39.66 -14.66 0.69
N GLN B 185 38.93 -13.55 0.59
CA GLN B 185 38.89 -12.60 1.70
C GLN B 185 38.21 -13.20 2.92
N TRP B 186 37.08 -13.88 2.70
CA TRP B 186 36.36 -14.49 3.81
C TRP B 186 37.22 -15.53 4.52
N LYS B 187 37.88 -16.40 3.76
CA LYS B 187 38.66 -17.47 4.35
C LYS B 187 39.97 -16.99 4.97
N SER B 188 40.48 -15.83 4.56
CA SER B 188 41.81 -15.40 5.01
C SER B 188 41.77 -14.45 6.19
N HIS B 189 40.64 -13.81 6.47
CA HIS B 189 40.54 -12.94 7.63
C HIS B 189 40.19 -13.75 8.86
N ARG B 190 40.57 -13.22 10.03
CA ARG B 190 40.18 -13.86 11.28
C ARG B 190 38.69 -13.73 11.53
N SER B 191 38.10 -12.59 11.17
CA SER B 191 36.67 -12.40 11.39
C SER B 191 36.18 -11.17 10.64
N TYR B 192 34.86 -11.06 10.53
CA TYR B 192 34.17 -9.88 10.06
C TYR B 192 33.06 -9.54 11.04
N SER B 193 32.77 -8.25 11.19
CA SER B 193 31.81 -7.78 12.18
C SER B 193 30.81 -6.81 11.57
N CYS B 194 29.55 -6.95 11.96
CA CYS B 194 28.51 -5.98 11.68
C CYS B 194 28.22 -5.22 12.98
N GLN B 195 28.35 -3.89 12.95
CA GLN B 195 28.22 -3.05 14.12
C GLN B 195 27.06 -2.08 13.93
N VAL B 196 26.03 -2.20 14.75
CA VAL B 196 24.81 -1.39 14.63
C VAL B 196 24.76 -0.43 15.80
N THR B 197 24.79 0.87 15.52
CA THR B 197 24.72 1.90 16.53
C THR B 197 23.30 2.44 16.58
N HIS B 198 22.71 2.46 17.77
CA HIS B 198 21.35 2.94 17.98
C HIS B 198 21.32 3.77 19.25
N GLU B 199 21.05 5.06 19.12
CA GLU B 199 20.95 5.97 20.27
C GLU B 199 22.27 6.02 21.05
N GLY B 200 23.39 6.02 20.31
CA GLY B 200 24.70 6.15 20.91
C GLY B 200 25.33 4.87 21.40
N SER B 201 24.56 3.78 21.51
CA SER B 201 25.08 2.49 21.93
C SER B 201 25.12 1.53 20.74
N THR B 202 26.03 0.56 20.81
CA THR B 202 26.36 -0.25 19.65
C THR B 202 26.24 -1.73 19.99
N VAL B 203 25.62 -2.48 19.08
CA VAL B 203 25.52 -3.93 19.13
C VAL B 203 26.37 -4.48 17.99
N GLU B 204 27.38 -5.28 18.33
CA GLU B 204 28.30 -5.85 17.35
C GLU B 204 28.10 -7.36 17.28
N LYS B 205 27.96 -7.88 16.07
CA LYS B 205 27.97 -9.31 15.82
C LYS B 205 29.15 -9.64 14.93
N THR B 206 29.78 -10.78 15.18
CA THR B 206 30.98 -11.21 14.47
C THR B 206 30.79 -12.63 13.93
N VAL B 207 31.36 -12.89 12.76
CA VAL B 207 31.40 -14.23 12.19
C VAL B 207 32.81 -14.51 11.70
N ALA B 208 33.18 -15.79 11.66
CA ALA B 208 34.53 -16.20 11.29
C ALA B 208 34.48 -17.43 10.39
N PRO B 209 35.42 -17.56 9.45
CA PRO B 209 35.43 -18.74 8.60
C PRO B 209 35.85 -20.01 9.32
N THR B 210 36.62 -19.89 10.39
CA THR B 210 37.11 -21.03 11.15
C THR B 210 36.14 -21.48 12.24
N GLU B 211 34.90 -20.96 12.22
CA GLU B 211 33.87 -21.35 13.15
C GLU B 211 32.65 -21.85 12.39
N CYS B 212 31.77 -22.55 13.09
CA CYS B 212 30.55 -23.06 12.48
C CYS B 212 29.31 -22.42 13.12
N GLU C 8 -34.36 27.91 2.23
CA GLU C 8 -33.52 27.51 1.11
C GLU C 8 -32.43 26.53 1.54
N PRO C 9 -32.73 25.24 1.52
CA PRO C 9 -31.74 24.24 1.93
C PRO C 9 -30.57 24.19 0.95
N SER C 10 -29.36 24.10 1.50
CA SER C 10 -28.17 24.04 0.66
C SER C 10 -28.12 22.70 -0.07
N ASP C 11 -27.31 22.68 -1.14
CA ASP C 11 -27.16 21.45 -1.91
C ASP C 11 -26.53 20.35 -1.06
N LYS C 12 -25.59 20.70 -0.19
CA LYS C 12 -24.97 19.71 0.68
C LYS C 12 -26.00 19.06 1.60
N HIS C 13 -26.91 19.88 2.16
CA HIS C 13 -27.95 19.32 3.01
C HIS C 13 -28.94 18.48 2.20
N ILE C 14 -29.21 18.87 0.96
CA ILE C 14 -30.04 18.01 0.10
C ILE C 14 -29.34 16.70 -0.17
N LYS C 15 -28.03 16.74 -0.44
CA LYS C 15 -27.29 15.51 -0.68
C LYS C 15 -27.28 14.62 0.55
N GLU C 16 -27.25 15.21 1.74
CA GLU C 16 -27.33 14.42 2.97
C GLU C 16 -28.64 13.63 3.01
N TYR C 17 -29.74 14.25 2.60
CA TYR C 17 -31.02 13.54 2.59
C TYR C 17 -31.04 12.46 1.51
N LEU C 18 -30.45 12.74 0.34
CA LEU C 18 -30.33 11.72 -0.69
C LEU C 18 -29.59 10.49 -0.18
N ASN C 19 -28.45 10.70 0.50
CA ASN C 19 -27.75 9.58 1.11
C ASN C 19 -28.62 8.87 2.14
N LYS C 20 -29.36 9.63 2.94
CA LYS C 20 -30.19 9.04 3.98
C LYS C 20 -31.22 8.07 3.39
N ILE C 21 -31.87 8.47 2.30
CA ILE C 21 -32.92 7.65 1.70
C ILE C 21 -32.38 6.95 0.46
N GLN C 22 -31.07 6.64 0.46
CA GLN C 22 -30.45 6.03 -0.71
C GLN C 22 -31.12 4.71 -1.08
N ASN C 23 -31.69 4.01 -0.09
CA ASN C 23 -32.32 2.72 -0.34
C ASN C 23 -33.67 2.84 -1.03
N SER C 24 -34.28 4.01 -1.05
CA SER C 24 -35.57 4.20 -1.68
C SER C 24 -35.56 5.26 -2.77
N LEU C 25 -34.41 5.90 -3.02
CA LEU C 25 -34.33 6.95 -4.03
C LEU C 25 -34.77 6.42 -5.39
N SER C 26 -35.67 7.16 -6.04
CA SER C 26 -36.29 6.71 -7.28
C SER C 26 -36.87 7.91 -8.00
N THR C 27 -37.55 7.66 -9.13
CA THR C 27 -38.25 8.73 -9.82
C THR C 27 -39.57 9.08 -9.15
N GLU C 28 -39.96 8.36 -8.12
CA GLU C 28 -41.12 8.71 -7.32
C GLU C 28 -40.67 9.69 -6.23
N TRP C 29 -41.49 10.71 -5.98
CA TRP C 29 -41.15 11.68 -4.95
C TRP C 29 -40.94 10.98 -3.61
N SER C 30 -39.83 11.29 -2.96
CA SER C 30 -39.55 10.75 -1.64
C SER C 30 -40.58 11.24 -0.63
N PRO C 31 -40.66 10.59 0.53
CA PRO C 31 -41.34 11.21 1.67
C PRO C 31 -40.66 12.53 2.04
N CYS C 32 -41.41 13.37 2.74
CA CYS C 32 -40.87 14.65 3.18
C CYS C 32 -39.76 14.42 4.21
N SER C 33 -38.73 15.26 4.15
CA SER C 33 -37.57 15.07 5.01
C SER C 33 -37.90 15.29 6.48
N VAL C 34 -38.95 16.04 6.79
CA VAL C 34 -39.36 16.30 8.16
C VAL C 34 -40.83 15.94 8.32
N THR C 35 -41.25 15.75 9.56
CA THR C 35 -42.66 15.54 9.88
C THR C 35 -43.33 16.78 10.45
N CYS C 36 -42.56 17.83 10.74
CA CYS C 36 -43.10 19.10 11.20
C CYS C 36 -42.27 20.23 10.62
N GLY C 37 -42.93 21.17 9.95
CA GLY C 37 -42.24 22.30 9.37
C GLY C 37 -41.91 22.11 7.91
N ASN C 38 -41.02 22.98 7.42
CA ASN C 38 -40.62 22.99 6.03
C ASN C 38 -39.48 22.01 5.81
N GLY C 39 -39.72 21.01 4.97
CA GLY C 39 -38.68 20.06 4.62
C GLY C 39 -38.50 19.98 3.12
N ILE C 40 -37.84 18.92 2.65
CA ILE C 40 -37.63 18.73 1.23
C ILE C 40 -38.16 17.37 0.81
N GLN C 41 -38.54 17.27 -0.46
CA GLN C 41 -38.78 16.01 -1.15
C GLN C 41 -37.85 15.95 -2.34
N VAL C 42 -37.37 14.74 -2.65
CA VAL C 42 -36.39 14.55 -3.71
C VAL C 42 -36.80 13.35 -4.56
N ARG C 43 -36.35 13.36 -5.81
CA ARG C 43 -36.56 12.23 -6.70
C ARG C 43 -35.56 12.31 -7.84
N ILE C 44 -35.42 11.20 -8.53
CA ILE C 44 -34.72 11.16 -9.81
C ILE C 44 -35.65 11.70 -10.89
N LYS C 45 -35.12 12.52 -11.79
CA LYS C 45 -35.91 13.06 -12.88
C LYS C 45 -36.57 11.92 -13.67
N PRO C 46 -37.85 12.05 -14.05
CA PRO C 46 -38.45 11.05 -14.94
C PRO C 46 -37.62 10.75 -16.18
N GLY C 47 -37.03 11.76 -16.80
CA GLY C 47 -36.20 11.55 -17.97
C GLY C 47 -34.90 10.82 -17.71
N SER C 48 -34.54 10.62 -16.44
CA SER C 48 -33.37 9.84 -16.06
C SER C 48 -33.75 8.48 -15.48
N ALA C 49 -35.02 8.09 -15.61
CA ALA C 49 -35.50 6.85 -15.01
C ALA C 49 -34.77 5.63 -15.52
N ASN C 50 -34.21 5.69 -16.71
CA ASN C 50 -33.56 4.51 -17.30
C ASN C 50 -32.05 4.54 -17.14
N LYS C 51 -31.51 5.42 -16.30
CA LYS C 51 -30.08 5.45 -16.00
C LYS C 51 -29.78 4.55 -14.79
N PRO C 52 -28.79 3.67 -14.88
CA PRO C 52 -28.40 2.91 -13.69
C PRO C 52 -27.89 3.83 -12.59
N LYS C 53 -27.94 3.34 -11.35
CA LYS C 53 -27.65 4.18 -10.20
C LYS C 53 -26.29 4.85 -10.31
N ASP C 54 -25.26 4.10 -10.73
CA ASP C 54 -23.92 4.67 -10.75
C ASP C 54 -23.72 5.69 -11.87
N GLU C 55 -24.69 5.84 -12.78
CA GLU C 55 -24.58 6.83 -13.84
C GLU C 55 -25.44 8.06 -13.57
N LEU C 56 -25.86 8.25 -12.32
CA LEU C 56 -26.61 9.44 -11.92
C LEU C 56 -25.66 10.53 -11.43
N ASP C 57 -26.16 11.76 -11.49
CA ASP C 57 -25.40 12.94 -11.13
C ASP C 57 -26.34 13.94 -10.47
N TYR C 58 -25.90 14.56 -9.38
CA TYR C 58 -26.79 15.43 -8.61
C TYR C 58 -27.29 16.59 -9.45
N ALA C 59 -26.40 17.23 -10.20
CA ALA C 59 -26.79 18.43 -10.95
C ALA C 59 -27.63 18.09 -12.16
N ASN C 60 -27.45 16.90 -12.73
CA ASN C 60 -28.17 16.54 -13.95
C ASN C 60 -29.47 15.80 -13.69
N ASP C 61 -29.54 14.97 -12.65
CA ASP C 61 -30.58 13.96 -12.56
C ASP C 61 -31.50 14.06 -11.36
N ILE C 62 -31.31 15.03 -10.46
CA ILE C 62 -32.03 15.10 -9.20
C ILE C 62 -32.93 16.33 -9.21
N GLU C 63 -34.18 16.15 -8.79
CA GLU C 63 -35.11 17.23 -8.57
C GLU C 63 -35.43 17.32 -7.08
N LYS C 64 -35.78 18.52 -6.64
CA LYS C 64 -36.15 18.76 -5.25
C LYS C 64 -37.34 19.70 -5.20
N LYS C 65 -38.18 19.53 -4.18
CA LYS C 65 -39.28 20.44 -3.94
C LYS C 65 -39.51 20.54 -2.44
N ILE C 66 -40.04 21.68 -2.03
CA ILE C 66 -40.28 21.92 -0.61
C ILE C 66 -41.60 21.26 -0.22
N CYS C 67 -41.63 20.68 0.98
CA CYS C 67 -42.83 20.11 1.57
C CYS C 67 -43.09 20.78 2.90
N LYS C 68 -44.36 20.86 3.28
CA LYS C 68 -44.78 21.53 4.50
C LYS C 68 -45.67 20.57 5.28
N MET C 69 -45.11 19.92 6.29
CA MET C 69 -45.85 18.99 7.12
C MET C 69 -46.42 19.72 8.35
N GLU C 70 -47.61 19.28 8.78
CA GLU C 70 -48.32 19.94 9.86
C GLU C 70 -48.43 19.08 11.11
N LYS C 71 -47.71 17.96 11.17
CA LYS C 71 -47.73 17.09 12.35
C LYS C 71 -46.68 17.59 13.34
N CYS C 72 -47.07 18.63 14.09
CA CYS C 72 -46.16 19.24 15.05
C CYS C 72 -46.61 18.99 16.49
C1 GOL D . -1.72 15.27 -5.82
O1 GOL D . -2.27 15.01 -4.56
C2 GOL D . -1.49 13.91 -6.50
O2 GOL D . -2.68 13.23 -6.73
C3 GOL D . -0.74 14.24 -7.81
O3 GOL D . -0.25 13.03 -8.31
C1 GOL E . -22.10 -2.40 -1.38
O1 GOL E . -22.69 -1.57 -0.43
C2 GOL E . -21.87 -3.78 -0.71
O2 GOL E . -20.63 -3.85 -0.09
C3 GOL E . -22.01 -4.80 -1.85
O3 GOL E . -20.80 -5.48 -1.96
C1 GOL F . 4.38 -27.44 7.41
O1 GOL F . 5.18 -27.90 6.35
C2 GOL F . 4.88 -26.01 7.79
O2 GOL F . 6.17 -26.00 8.27
C3 GOL F . 3.87 -25.50 8.84
O3 GOL F . 3.61 -26.55 9.72
C1 GOL G . 42.70 -6.26 5.46
O1 GOL G . 41.38 -5.85 5.49
C2 GOL G . 43.10 -6.61 6.90
O2 GOL G . 42.01 -7.05 7.65
C3 GOL G . 43.69 -5.31 7.48
O3 GOL G . 43.70 -5.47 8.87
C1 GOL H . -35.20 5.45 -11.11
O1 GOL H . -36.24 5.13 -10.22
C2 GOL H . -34.08 4.38 -11.00
O2 GOL H . -33.77 4.07 -9.68
C3 GOL H . -32.87 5.00 -11.73
O3 GOL H . -31.76 4.18 -11.46
C1 IPA I . -23.56 12.55 -16.23
C2 IPA I . -24.74 11.67 -15.82
C3 IPA I . -25.97 12.55 -15.62
O2 IPA I . -25.02 10.73 -16.82
#